data_4ZHC
#
_entry.id   4ZHC
#
_cell.length_a   114.657
_cell.length_b   114.657
_cell.length_c   119.226
_cell.angle_alpha   90.000
_cell.angle_beta   90.000
_cell.angle_gamma   90.000
#
_symmetry.space_group_name_H-M   'P 41 21 2'
#
loop_
_entity.id
_entity.type
_entity.pdbx_description
1 polymer 'Neutrophil gelatinase-associated lipocalin'
2 non-polymer 'THORIUM ION'
3 non-polymer N-{2-[bis(2-{[(2,3-dihydroxyphenyl)carbonyl]amino}ethyl)amino]ethyl}-1-hydroxy-6-oxo-1,6-dihydropyridine-2-carboxamide
4 non-polymer 'ACETATE ION'
5 non-polymer 'SULFATE ION'
6 water water
#
_entity_poly.entity_id   1
_entity_poly.type   'polypeptide(L)'
_entity_poly.pdbx_seq_one_letter_code
;GSQDSTSDLIPAPPLSKVPLQQNFQDNQFQGKWYVVGLAGNAILREDKDPQKMYATIYELKEDKSYNVTSVLFRKKKCDY
WIRTFVPGSQPGEFTLGNIKSYPGLTSYLVRVVSTNYNQHAMVFFKKVSQNREYFKITLYGRTKELTSELKENFIRFSKS
LGLPENHIVFPVPIDQCIDG
;
_entity_poly.pdbx_strand_id   A,B,C
#
loop_
_chem_comp.id
_chem_comp.type
_chem_comp.name
_chem_comp.formula
ACT non-polymer 'ACETATE ION' 'C2 H3 O2 -1'
SO4 non-polymer 'SULFATE ION' 'O4 S -2'
TC2 non-polymer N-{2-[bis(2-{[(2,3-dihydroxyphenyl)carbonyl]amino}ethyl)amino]ethyl}-1-hydroxy-6-oxo-1,6-dihydropyridine-2-carboxamide 'C26 H29 N5 O9'
TH non-polymer 'THORIUM ION' 'Th 4'
#
# COMPACT_ATOMS: atom_id res chain seq x y z
N THR A 6 -18.91 -33.43 -10.70
CA THR A 6 -18.03 -32.88 -11.77
C THR A 6 -17.54 -31.50 -11.37
N SER A 7 -16.70 -30.91 -12.20
CA SER A 7 -15.89 -29.81 -11.77
C SER A 7 -15.01 -29.32 -12.91
N ASP A 8 -14.87 -28.01 -13.04
CA ASP A 8 -14.19 -27.42 -14.17
C ASP A 8 -13.23 -26.41 -13.61
N LEU A 9 -11.94 -26.58 -13.89
CA LEU A 9 -10.93 -25.73 -13.25
C LEU A 9 -10.00 -25.11 -14.29
N ILE A 10 -9.63 -23.86 -14.06
CA ILE A 10 -8.55 -23.23 -14.79
C ILE A 10 -7.26 -24.02 -14.53
N PRO A 11 -6.54 -24.39 -15.60
CA PRO A 11 -5.38 -25.27 -15.43
C PRO A 11 -4.28 -24.59 -14.62
N ALA A 12 -3.59 -25.37 -13.79
CA ALA A 12 -2.40 -24.89 -13.09
C ALA A 12 -1.34 -24.41 -14.09
N PRO A 13 -0.66 -23.30 -13.79
CA PRO A 13 0.39 -22.84 -14.70
C PRO A 13 1.62 -23.75 -14.66
N PRO A 14 2.42 -23.77 -15.73
CA PRO A 14 3.68 -24.45 -15.60
C PRO A 14 4.58 -23.74 -14.59
N LEU A 15 5.44 -24.50 -13.93
CA LEU A 15 6.24 -23.96 -12.84
C LEU A 15 7.25 -22.95 -13.37
N SER A 16 7.47 -22.97 -14.68
CA SER A 16 8.33 -21.99 -15.32
C SER A 16 7.76 -20.58 -15.26
N LYS A 17 6.44 -20.47 -15.04
CA LYS A 17 5.82 -19.14 -14.93
C LYS A 17 5.77 -18.65 -13.48
N VAL A 18 6.32 -19.43 -12.56
CA VAL A 18 6.26 -19.09 -11.15
C VAL A 18 7.67 -18.84 -10.61
N PRO A 19 8.03 -17.55 -10.44
CA PRO A 19 9.39 -17.26 -9.97
C PRO A 19 9.63 -17.81 -8.57
N LEU A 20 10.90 -17.99 -8.24
CA LEU A 20 11.34 -18.34 -6.89
C LEU A 20 12.16 -17.20 -6.29
N GLN A 21 11.84 -16.81 -5.06
CA GLN A 21 12.65 -15.83 -4.35
C GLN A 21 14.10 -16.28 -4.29
N GLN A 22 15.01 -15.46 -4.82
CA GLN A 22 16.41 -15.81 -4.79
C GLN A 22 16.99 -15.69 -3.37
N ASN A 23 17.92 -16.58 -3.06
CA ASN A 23 18.65 -16.54 -1.80
C ASN A 23 17.71 -16.60 -0.59
N PHE A 24 16.71 -17.47 -0.64
CA PHE A 24 15.66 -17.48 0.35
C PHE A 24 16.24 -17.70 1.75
N GLN A 25 15.78 -16.90 2.71
CA GLN A 25 16.29 -16.93 4.07
C GLN A 25 15.22 -17.47 5.03
N ASP A 26 15.33 -18.74 5.40
CA ASP A 26 14.24 -19.42 6.07
C ASP A 26 13.97 -18.86 7.47
N ASN A 27 15.02 -18.42 8.15
CA ASN A 27 14.87 -17.83 9.47
C ASN A 27 14.10 -16.51 9.44
N GLN A 28 14.32 -15.70 8.40
CA GLN A 28 13.69 -14.38 8.31
C GLN A 28 12.23 -14.46 7.87
N PHE A 29 11.85 -15.58 7.28
CA PHE A 29 10.48 -15.76 6.82
C PHE A 29 9.54 -16.14 7.96
N GLN A 30 10.12 -16.49 9.11
CA GLN A 30 9.37 -16.94 10.27
C GLN A 30 8.38 -15.88 10.78
N GLY A 31 7.43 -16.34 11.58
CA GLY A 31 6.55 -15.44 12.32
C GLY A 31 5.21 -15.31 11.64
N LYS A 32 4.46 -14.27 11.98
CA LYS A 32 3.07 -14.15 11.54
C LYS A 32 2.99 -13.34 10.25
N TRP A 33 2.21 -13.85 9.31
CA TRP A 33 1.87 -13.16 8.09
C TRP A 33 0.36 -13.08 7.97
N TYR A 34 -0.17 -11.92 7.58
CA TYR A 34 -1.58 -11.79 7.28
C TYR A 34 -1.84 -12.07 5.81
N VAL A 35 -2.95 -12.73 5.52
CA VAL A 35 -3.36 -12.95 4.14
C VAL A 35 -4.16 -11.77 3.61
N VAL A 36 -3.46 -10.92 2.89
CA VAL A 36 -3.99 -9.64 2.44
C VAL A 36 -4.61 -9.80 1.06
N GLY A 37 -4.12 -10.80 0.34
CA GLY A 37 -4.66 -11.14 -0.98
C GLY A 37 -4.66 -12.64 -1.18
N LEU A 38 -5.65 -13.12 -1.92
CA LEU A 38 -5.81 -14.55 -2.16
C LEU A 38 -6.40 -14.75 -3.54
N ALA A 39 -5.75 -15.61 -4.34
CA ALA A 39 -6.21 -15.89 -5.70
C ALA A 39 -5.98 -17.36 -6.02
N GLY A 40 -6.84 -17.95 -6.83
CA GLY A 40 -6.65 -19.33 -7.24
C GLY A 40 -7.77 -19.88 -8.07
N ASN A 41 -7.58 -21.09 -8.60
CA ASN A 41 -8.56 -21.64 -9.51
C ASN A 41 -9.81 -22.12 -8.80
N ALA A 42 -9.75 -22.26 -7.47
CA ALA A 42 -10.95 -22.57 -6.70
C ALA A 42 -11.31 -21.47 -5.70
N ILE A 43 -10.73 -20.29 -5.87
CA ILE A 43 -11.08 -19.13 -5.07
C ILE A 43 -12.07 -18.29 -5.87
N LEU A 44 -13.19 -17.92 -5.24
CA LEU A 44 -14.20 -17.09 -5.91
C LEU A 44 -14.63 -15.94 -5.01
N ARG A 45 -14.67 -14.73 -5.58
CA ARG A 45 -15.24 -13.59 -4.89
C ARG A 45 -16.69 -13.87 -4.49
N GLU A 46 -17.05 -13.49 -3.28
CA GLU A 46 -18.41 -13.62 -2.81
C GLU A 46 -18.85 -12.33 -2.13
N ASP A 47 -19.59 -11.50 -2.85
CA ASP A 47 -20.00 -10.19 -2.33
C ASP A 47 -21.07 -10.34 -1.27
N LYS A 48 -21.86 -11.41 -1.35
CA LYS A 48 -22.82 -11.74 -0.29
C LYS A 48 -22.16 -11.88 1.07
N ASP A 49 -20.97 -12.50 1.10
CA ASP A 49 -20.31 -12.83 2.37
C ASP A 49 -18.79 -12.88 2.19
N PRO A 50 -18.15 -11.70 2.08
CA PRO A 50 -16.74 -11.61 1.67
C PRO A 50 -15.81 -12.41 2.59
N GLN A 51 -14.76 -12.95 2.00
CA GLN A 51 -13.71 -13.63 2.74
C GLN A 51 -13.13 -12.72 3.82
N LYS A 52 -13.06 -13.21 5.06
CA LYS A 52 -12.38 -12.48 6.13
C LYS A 52 -10.89 -12.79 6.11
N MET A 53 -10.10 -11.80 6.47
CA MET A 53 -8.66 -12.00 6.63
C MET A 53 -8.38 -13.10 7.64
N TYR A 54 -7.37 -13.92 7.34
CA TYR A 54 -6.83 -14.84 8.31
C TYR A 54 -5.32 -14.70 8.31
N ALA A 55 -4.67 -15.42 9.22
CA ALA A 55 -3.24 -15.31 9.40
C ALA A 55 -2.57 -16.69 9.37
N THR A 56 -1.30 -16.70 8.98
CA THR A 56 -0.51 -17.93 8.94
C THR A 56 0.80 -17.67 9.65
N ILE A 57 1.11 -18.53 10.62
CA ILE A 57 2.33 -18.40 11.40
C ILE A 57 3.32 -19.49 11.02
N TYR A 58 4.53 -19.06 10.66
CA TYR A 58 5.62 -19.96 10.27
C TYR A 58 6.65 -20.08 11.39
N GLU A 59 6.87 -21.29 11.88
CA GLU A 59 7.91 -21.52 12.87
C GLU A 59 8.90 -22.58 12.39
N LEU A 60 10.17 -22.19 12.37
CA LEU A 60 11.21 -23.01 11.82
C LEU A 60 11.64 -24.01 12.89
N LYS A 61 11.52 -25.30 12.58
CA LYS A 61 11.92 -26.34 13.53
C LYS A 61 13.42 -26.63 13.43
N GLU A 62 13.95 -27.36 14.41
CA GLU A 62 15.37 -27.69 14.44
C GLU A 62 15.81 -28.30 13.13
N ASP A 63 14.98 -29.18 12.57
CA ASP A 63 15.32 -29.88 11.34
C ASP A 63 15.03 -29.06 10.09
N LYS A 64 14.62 -27.81 10.27
CA LYS A 64 14.54 -26.84 9.16
C LYS A 64 13.26 -26.98 8.35
N SER A 65 12.38 -27.88 8.76
CA SER A 65 10.99 -27.80 8.32
C SER A 65 10.28 -26.66 9.04
N TYR A 66 9.16 -26.21 8.48
CA TYR A 66 8.29 -25.25 9.17
C TYR A 66 7.11 -25.98 9.78
N ASN A 67 6.81 -25.62 11.02
CA ASN A 67 5.47 -25.74 11.52
C ASN A 67 4.64 -24.54 11.11
N VAL A 68 3.55 -24.79 10.41
CA VAL A 68 2.75 -23.72 9.80
C VAL A 68 1.33 -23.78 10.39
N THR A 69 0.96 -22.73 11.10
CA THR A 69 -0.33 -22.68 11.76
C THR A 69 -1.17 -21.58 11.16
N SER A 70 -2.35 -21.96 10.68
CA SER A 70 -3.29 -21.00 10.16
C SER A 70 -4.38 -20.73 11.18
N VAL A 71 -4.78 -19.47 11.27
CA VAL A 71 -5.75 -19.03 12.25
C VAL A 71 -6.85 -18.27 11.52
N LEU A 72 -8.08 -18.77 11.65
CA LEU A 72 -9.23 -18.17 10.98
C LEU A 72 -10.38 -17.97 11.94
N PHE A 73 -11.15 -16.91 11.73
CA PHE A 73 -12.33 -16.63 12.53
C PHE A 73 -13.56 -17.12 11.77
N ARG A 74 -14.25 -18.09 12.36
CA ARG A 74 -15.33 -18.80 11.68
C ARG A 74 -16.36 -19.25 12.71
N LYS A 75 -17.62 -18.90 12.48
CA LYS A 75 -18.71 -19.25 13.38
C LYS A 75 -18.41 -18.83 14.82
N LYS A 76 -17.87 -17.63 14.96
CA LYS A 76 -17.71 -17.00 16.26
C LYS A 76 -16.51 -17.55 17.03
N LYS A 77 -15.72 -18.40 16.39
CA LYS A 77 -14.60 -19.05 17.07
C LYS A 77 -13.33 -18.95 16.26
N CYS A 78 -12.19 -19.10 16.94
CA CYS A 78 -10.91 -19.20 16.25
C CYS A 78 -10.64 -20.65 15.87
N ASP A 79 -10.44 -20.87 14.58
CA ASP A 79 -10.16 -22.21 14.05
C ASP A 79 -8.70 -22.29 13.67
N TYR A 80 -8.03 -23.33 14.14
CA TYR A 80 -6.59 -23.48 13.90
C TYR A 80 -6.33 -24.68 12.99
N TRP A 81 -5.44 -24.50 12.03
CA TRP A 81 -5.03 -25.58 11.13
C TRP A 81 -3.50 -25.68 11.16
N ILE A 82 -2.99 -26.89 11.37
CA ILE A 82 -1.55 -27.10 11.48
C ILE A 82 -1.06 -27.93 10.30
N ARG A 83 0.01 -27.48 9.66
CA ARG A 83 0.66 -28.26 8.62
C ARG A 83 2.17 -28.23 8.85
N THR A 84 2.88 -29.12 8.19
CA THR A 84 4.33 -29.08 8.16
C THR A 84 4.80 -28.87 6.72
N PHE A 85 5.64 -27.86 6.50
CA PHE A 85 6.26 -27.66 5.21
C PHE A 85 7.71 -28.17 5.23
N VAL A 86 8.01 -29.15 4.40
CA VAL A 86 9.31 -29.79 4.36
C VAL A 86 10.12 -29.21 3.21
N PRO A 87 11.37 -28.81 3.48
CA PRO A 87 12.20 -28.20 2.43
C PRO A 87 12.26 -29.06 1.17
N GLY A 88 12.09 -28.44 0.02
CA GLY A 88 12.07 -29.16 -1.25
C GLY A 88 13.38 -29.04 -2.00
N SER A 89 13.29 -29.02 -3.33
CA SER A 89 14.46 -29.18 -4.18
C SER A 89 15.34 -27.92 -4.20
N GLN A 90 14.76 -26.77 -3.88
CA GLN A 90 15.49 -25.49 -3.84
C GLN A 90 15.07 -24.68 -2.62
N PRO A 91 15.97 -23.85 -2.08
CA PRO A 91 15.56 -22.97 -0.99
C PRO A 91 14.37 -22.09 -1.37
N GLY A 92 13.34 -22.11 -0.53
CA GLY A 92 12.12 -21.35 -0.78
C GLY A 92 11.01 -22.20 -1.36
N GLU A 93 11.32 -23.48 -1.59
CA GLU A 93 10.35 -24.44 -2.06
C GLU A 93 10.13 -25.53 -1.01
N PHE A 94 8.89 -25.99 -0.88
CA PHE A 94 8.51 -26.94 0.17
C PHE A 94 7.49 -27.93 -0.36
N THR A 95 7.43 -29.10 0.26
CA THR A 95 6.28 -29.97 0.10
C THR A 95 5.62 -30.19 1.46
N LEU A 96 4.45 -30.81 1.44
CA LEU A 96 3.66 -31.03 2.65
C LEU A 96 4.11 -32.29 3.37
N GLY A 97 4.42 -32.16 4.66
CA GLY A 97 4.70 -33.31 5.51
C GLY A 97 3.47 -34.16 5.79
N ASN A 98 3.69 -35.46 6.01
CA ASN A 98 2.63 -36.40 6.40
C ASN A 98 1.44 -36.39 5.46
N ILE A 99 1.72 -36.43 4.16
CA ILE A 99 0.71 -36.19 3.16
C ILE A 99 -0.35 -37.29 3.24
N LYS A 100 0.04 -38.47 3.74
CA LYS A 100 -0.87 -39.61 3.85
C LYS A 100 -2.05 -39.39 4.81
N SER A 101 -1.91 -38.43 5.71
CA SER A 101 -2.96 -38.14 6.68
C SER A 101 -4.02 -37.21 6.11
N TYR A 102 -3.84 -36.79 4.85
CA TYR A 102 -4.85 -36.00 4.17
C TYR A 102 -5.50 -36.85 3.07
N PRO A 103 -6.76 -37.28 3.27
CA PRO A 103 -7.41 -38.16 2.32
C PRO A 103 -7.55 -37.53 0.93
N GLY A 104 -7.13 -38.25 -0.10
CA GLY A 104 -7.30 -37.80 -1.48
C GLY A 104 -6.11 -37.01 -2.03
N LEU A 105 -5.22 -36.59 -1.14
CA LEU A 105 -4.14 -35.68 -1.51
C LEU A 105 -2.92 -36.47 -1.99
N THR A 106 -2.48 -36.25 -3.23
CA THR A 106 -1.32 -36.98 -3.74
C THR A 106 -0.12 -36.07 -3.98
N SER A 107 -0.35 -34.76 -3.99
CA SER A 107 0.69 -33.81 -4.31
C SER A 107 0.41 -32.48 -3.63
N TYR A 108 1.46 -31.83 -3.11
CA TYR A 108 1.36 -30.51 -2.52
C TYR A 108 2.71 -29.78 -2.60
N LEU A 109 2.72 -28.63 -3.26
CA LEU A 109 3.96 -27.91 -3.49
C LEU A 109 3.78 -26.45 -3.08
N VAL A 110 4.80 -25.91 -2.42
CA VAL A 110 4.82 -24.50 -2.02
C VAL A 110 6.08 -23.87 -2.62
N ARG A 111 5.92 -22.70 -3.24
CA ARG A 111 7.06 -21.93 -3.71
C ARG A 111 6.90 -20.47 -3.30
N VAL A 112 7.86 -19.95 -2.52
CA VAL A 112 7.90 -18.54 -2.20
C VAL A 112 8.38 -17.77 -3.42
N VAL A 113 7.49 -16.97 -3.98
CA VAL A 113 7.72 -16.28 -5.24
C VAL A 113 8.56 -15.02 -5.02
N SER A 114 8.22 -14.25 -4.00
CA SER A 114 8.91 -13.01 -3.66
C SER A 114 8.63 -12.64 -2.21
N THR A 115 9.59 -12.00 -1.56
CA THR A 115 9.39 -11.45 -0.22
C THR A 115 10.52 -10.49 0.12
N ASN A 116 10.23 -9.51 0.97
CA ASN A 116 11.27 -8.75 1.65
C ASN A 116 11.29 -9.05 3.15
N TYR A 117 10.59 -10.10 3.55
CA TYR A 117 10.67 -10.66 4.90
C TYR A 117 9.99 -9.81 5.98
N ASN A 118 10.11 -8.50 5.92
CA ASN A 118 9.60 -7.65 7.00
C ASN A 118 8.37 -6.82 6.62
N GLN A 119 7.86 -6.97 5.40
CA GLN A 119 6.58 -6.35 5.04
C GLN A 119 5.67 -7.24 4.21
N HIS A 120 6.19 -7.84 3.15
CA HIS A 120 5.33 -8.56 2.20
C HIS A 120 5.96 -9.83 1.64
N ALA A 121 5.10 -10.74 1.20
CA ALA A 121 5.52 -11.91 0.44
C ALA A 121 4.42 -12.32 -0.53
N MET A 122 4.80 -13.05 -1.57
CA MET A 122 3.84 -13.78 -2.40
C MET A 122 4.26 -15.23 -2.44
N VAL A 123 3.30 -16.12 -2.21
CA VAL A 123 3.59 -17.53 -2.13
C VAL A 123 2.60 -18.29 -3.02
N PHE A 124 3.15 -19.23 -3.78
CA PHE A 124 2.38 -20.05 -4.72
C PHE A 124 2.21 -21.44 -4.14
N PHE A 125 1.00 -21.97 -4.24
CA PHE A 125 0.71 -23.33 -3.80
C PHE A 125 0.05 -24.10 -4.92
N LYS A 126 0.45 -25.35 -5.09
CA LYS A 126 -0.21 -26.25 -6.03
C LYS A 126 -0.43 -27.60 -5.37
N LYS A 127 -1.65 -28.12 -5.49
CA LYS A 127 -1.95 -29.43 -4.95
C LYS A 127 -2.80 -30.27 -5.89
N VAL A 128 -2.65 -31.58 -5.79
CA VAL A 128 -3.53 -32.52 -6.48
C VAL A 128 -4.34 -33.30 -5.45
N SER A 129 -5.67 -33.14 -5.53
CA SER A 129 -6.60 -33.71 -4.56
C SER A 129 -7.78 -34.33 -5.30
N GLN A 130 -8.05 -35.61 -5.04
CA GLN A 130 -9.00 -36.39 -5.84
C GLN A 130 -8.68 -36.29 -7.32
N ASN A 131 -7.38 -36.26 -7.65
CA ASN A 131 -6.93 -36.19 -9.04
C ASN A 131 -7.25 -34.85 -9.72
N ARG A 132 -7.66 -33.86 -8.94
CA ARG A 132 -7.90 -32.51 -9.47
C ARG A 132 -6.76 -31.61 -9.08
N GLU A 133 -6.29 -30.78 -10.01
CA GLU A 133 -5.16 -29.91 -9.74
C GLU A 133 -5.62 -28.49 -9.37
N TYR A 134 -5.34 -28.11 -8.13
CA TYR A 134 -5.70 -26.81 -7.60
C TYR A 134 -4.43 -25.98 -7.43
N PHE A 135 -4.55 -24.67 -7.63
CA PHE A 135 -3.47 -23.77 -7.26
C PHE A 135 -4.01 -22.48 -6.66
N LYS A 136 -3.21 -21.89 -5.78
CA LYS A 136 -3.53 -20.59 -5.25
C LYS A 136 -2.27 -19.77 -5.06
N ILE A 137 -2.46 -18.46 -4.97
CA ILE A 137 -1.39 -17.54 -4.62
C ILE A 137 -1.86 -16.68 -3.46
N THR A 138 -1.02 -16.55 -2.45
CA THR A 138 -1.32 -15.68 -1.32
C THR A 138 -0.41 -14.46 -1.38
N LEU A 139 -1.00 -13.30 -1.12
CA LEU A 139 -0.23 -12.11 -0.85
C LEU A 139 -0.20 -11.93 0.66
N TYR A 140 0.98 -12.08 1.24
CA TYR A 140 1.17 -11.95 2.69
C TYR A 140 1.61 -10.54 3.04
N GLY A 141 1.10 -10.01 4.14
CA GLY A 141 1.64 -8.80 4.74
C GLY A 141 2.01 -9.04 6.19
N ARG A 142 3.03 -8.34 6.67
CA ARG A 142 3.32 -8.36 8.10
C ARG A 142 2.28 -7.51 8.84
N THR A 143 1.69 -6.56 8.12
CA THR A 143 0.54 -5.82 8.62
C THR A 143 -0.69 -6.14 7.78
N LYS A 144 -1.86 -5.66 8.22
CA LYS A 144 -3.12 -6.03 7.60
C LYS A 144 -3.38 -5.20 6.35
N GLU A 145 -2.60 -4.16 6.16
CA GLU A 145 -2.72 -3.33 4.97
C GLU A 145 -1.45 -3.39 4.15
N LEU A 146 -1.58 -3.37 2.83
CA LEU A 146 -0.43 -3.15 1.96
C LEU A 146 -0.76 -2.10 0.92
N THR A 147 0.29 -1.55 0.31
CA THR A 147 0.15 -0.48 -0.66
C THR A 147 -0.66 -0.93 -1.87
N SER A 148 -1.26 0.04 -2.55
CA SER A 148 -1.90 -0.20 -3.83
C SER A 148 -0.94 -0.87 -4.81
N GLU A 149 0.32 -0.43 -4.78
CA GLU A 149 1.32 -0.96 -5.70
C GLU A 149 1.50 -2.47 -5.53
N LEU A 150 1.62 -2.92 -4.29
CA LEU A 150 1.84 -4.34 -4.01
C LEU A 150 0.60 -5.15 -4.41
N LYS A 151 -0.57 -4.58 -4.18
CA LYS A 151 -1.81 -5.25 -4.52
C LYS A 151 -1.99 -5.38 -6.03
N GLU A 152 -1.66 -4.32 -6.77
CA GLU A 152 -1.74 -4.37 -8.23
C GLU A 152 -0.72 -5.33 -8.83
N ASN A 153 0.46 -5.37 -8.24
CA ASN A 153 1.44 -6.40 -8.62
C ASN A 153 0.90 -7.81 -8.43
N PHE A 154 0.25 -8.04 -7.30
CA PHE A 154 -0.35 -9.34 -7.01
C PHE A 154 -1.43 -9.68 -8.02
N ILE A 155 -2.25 -8.69 -8.38
CA ILE A 155 -3.26 -8.88 -9.41
C ILE A 155 -2.61 -9.22 -10.77
N ARG A 156 -1.60 -8.46 -11.15
CA ARG A 156 -0.88 -8.73 -12.41
C ARG A 156 -0.31 -10.14 -12.41
N PHE A 157 0.31 -10.53 -11.31
CA PHE A 157 0.92 -11.85 -11.23
C PHE A 157 -0.14 -12.95 -11.33
N SER A 158 -1.25 -12.77 -10.60
CA SER A 158 -2.36 -13.73 -10.66
C SER A 158 -2.89 -13.90 -12.08
N LYS A 159 -3.07 -12.78 -12.79
CA LYS A 159 -3.57 -12.85 -14.16
C LYS A 159 -2.56 -13.51 -15.10
N SER A 160 -1.27 -13.33 -14.84
CA SER A 160 -0.24 -13.96 -15.66
C SER A 160 -0.29 -15.48 -15.52
N LEU A 161 -0.90 -15.96 -14.44
CA LEU A 161 -1.08 -17.39 -14.26
C LEU A 161 -2.44 -17.88 -14.75
N GLY A 162 -3.19 -17.00 -15.41
CA GLY A 162 -4.42 -17.39 -16.08
C GLY A 162 -5.70 -17.15 -15.27
N LEU A 163 -5.59 -16.44 -14.15
CA LEU A 163 -6.76 -16.22 -13.30
C LEU A 163 -7.46 -14.92 -13.68
N PRO A 164 -8.79 -14.97 -13.85
CA PRO A 164 -9.56 -13.75 -14.04
C PRO A 164 -9.84 -13.04 -12.72
N GLU A 165 -10.42 -11.85 -12.79
CA GLU A 165 -10.52 -10.97 -11.65
C GLU A 165 -11.44 -11.54 -10.58
N ASN A 166 -12.45 -12.29 -10.98
CA ASN A 166 -13.36 -12.87 -10.01
C ASN A 166 -12.76 -14.07 -9.25
N HIS A 167 -11.53 -14.44 -9.57
CA HIS A 167 -10.80 -15.45 -8.79
C HIS A 167 -9.70 -14.84 -7.94
N ILE A 168 -9.79 -13.52 -7.75
CA ILE A 168 -8.81 -12.78 -6.97
C ILE A 168 -9.55 -12.02 -5.88
N VAL A 169 -9.16 -12.21 -4.63
CA VAL A 169 -9.91 -11.71 -3.49
C VAL A 169 -8.96 -10.98 -2.55
N PHE A 170 -9.45 -9.93 -1.92
CA PHE A 170 -8.69 -9.23 -0.88
C PHE A 170 -9.43 -9.33 0.44
N PRO A 171 -9.04 -10.29 1.29
CA PRO A 171 -9.82 -10.54 2.49
C PRO A 171 -9.92 -9.28 3.36
N VAL A 172 -11.09 -9.09 3.96
CA VAL A 172 -11.35 -7.92 4.78
C VAL A 172 -10.64 -8.05 6.12
N PRO A 173 -9.87 -7.02 6.52
CA PRO A 173 -9.23 -7.03 7.85
C PRO A 173 -10.23 -7.23 8.98
N ILE A 174 -9.88 -8.07 9.94
CA ILE A 174 -10.65 -8.20 11.17
C ILE A 174 -9.68 -8.18 12.36
N ASP A 175 -10.24 -8.11 13.57
CA ASP A 175 -9.44 -8.12 14.78
C ASP A 175 -9.50 -9.43 15.55
N GLN A 176 -10.58 -10.19 15.39
CA GLN A 176 -10.72 -11.46 16.10
C GLN A 176 -9.68 -12.48 15.63
N CYS A 177 -9.06 -13.17 16.61
CA CYS A 177 -8.22 -14.34 16.36
C CYS A 177 -6.85 -14.01 15.84
N ILE A 178 -6.78 -13.12 14.87
CA ILE A 178 -5.57 -12.98 14.08
C ILE A 178 -4.64 -11.91 14.70
N ASP A 179 -5.15 -11.18 15.68
CA ASP A 179 -4.32 -10.28 16.49
C ASP A 179 -3.47 -11.03 17.52
N GLY A 180 -3.72 -12.34 17.66
CA GLY A 180 -3.09 -13.13 18.71
C GLY A 180 -1.99 -12.39 19.46
N ASP B 8 -31.51 -2.01 -18.95
CA ASP B 8 -31.12 -1.37 -17.66
C ASP B 8 -29.73 -0.76 -17.77
N LEU B 9 -29.51 0.32 -17.03
CA LEU B 9 -28.21 0.99 -17.02
C LEU B 9 -27.70 1.14 -15.60
N ILE B 10 -26.39 0.98 -15.42
CA ILE B 10 -25.75 1.39 -14.19
C ILE B 10 -25.95 2.89 -14.01
N PRO B 11 -26.42 3.30 -12.81
CA PRO B 11 -26.76 4.70 -12.61
C PRO B 11 -25.55 5.62 -12.74
N ALA B 12 -25.75 6.81 -13.30
CA ALA B 12 -24.73 7.84 -13.28
C ALA B 12 -24.38 8.17 -11.83
N PRO B 13 -23.09 8.39 -11.55
CA PRO B 13 -22.72 8.75 -10.20
C PRO B 13 -23.16 10.18 -9.89
N PRO B 14 -23.37 10.50 -8.61
CA PRO B 14 -23.56 11.91 -8.30
C PRO B 14 -22.29 12.69 -8.61
N LEU B 15 -22.44 13.96 -8.99
CA LEU B 15 -21.32 14.76 -9.44
C LEU B 15 -20.33 14.98 -8.32
N SER B 16 -20.77 14.76 -7.08
CA SER B 16 -19.89 14.83 -5.92
C SER B 16 -18.82 13.74 -5.92
N LYS B 17 -19.04 12.67 -6.69
CA LYS B 17 -18.05 11.61 -6.82
C LYS B 17 -17.10 11.84 -7.99
N VAL B 18 -17.27 12.96 -8.69
CA VAL B 18 -16.45 13.25 -9.86
C VAL B 18 -15.65 14.52 -9.60
N PRO B 19 -14.36 14.36 -9.28
CA PRO B 19 -13.53 15.55 -9.04
C PRO B 19 -13.43 16.45 -10.26
N LEU B 20 -13.14 17.72 -10.01
CA LEU B 20 -12.82 18.67 -11.07
C LEU B 20 -11.38 19.11 -10.91
N GLN B 21 -10.62 19.04 -12.01
CA GLN B 21 -9.23 19.50 -11.98
C GLN B 21 -9.16 20.93 -11.42
N GLN B 22 -8.36 21.10 -10.37
CA GLN B 22 -8.08 22.41 -9.78
C GLN B 22 -7.43 23.36 -10.79
N ASN B 23 -7.90 24.61 -10.83
CA ASN B 23 -7.22 25.66 -11.58
C ASN B 23 -6.96 25.23 -13.03
N PHE B 24 -8.02 24.76 -13.70
CA PHE B 24 -7.89 24.18 -15.04
C PHE B 24 -7.34 25.23 -16.00
N GLN B 25 -6.38 24.82 -16.83
CA GLN B 25 -5.70 25.74 -17.74
C GLN B 25 -5.99 25.38 -19.20
N ASP B 26 -6.89 26.14 -19.82
CA ASP B 26 -7.51 25.72 -21.07
C ASP B 26 -6.51 25.72 -22.24
N ASN B 27 -5.56 26.64 -22.21
CA ASN B 27 -4.53 26.70 -23.24
C ASN B 27 -3.61 25.46 -23.21
N GLN B 28 -3.31 24.97 -22.01
CA GLN B 28 -2.40 23.84 -21.86
C GLN B 28 -3.07 22.51 -22.22
N PHE B 29 -4.40 22.49 -22.18
CA PHE B 29 -5.15 21.25 -22.47
C PHE B 29 -5.27 21.01 -23.97
N GLN B 30 -4.94 22.02 -24.75
CA GLN B 30 -5.12 21.99 -26.20
C GLN B 30 -4.35 20.87 -26.85
N GLY B 31 -4.72 20.57 -28.09
CA GLY B 31 -3.93 19.69 -28.94
C GLY B 31 -4.53 18.30 -29.00
N LYS B 32 -3.73 17.34 -29.44
CA LYS B 32 -4.22 16.01 -29.68
C LYS B 32 -4.06 15.17 -28.42
N TRP B 33 -5.12 14.43 -28.12
CA TRP B 33 -5.09 13.41 -27.08
C TRP B 33 -5.51 12.08 -27.70
N TYR B 34 -4.80 11.03 -27.36
CA TYR B 34 -5.21 9.68 -27.75
C TYR B 34 -6.09 9.07 -26.67
N VAL B 35 -7.12 8.35 -27.08
CA VAL B 35 -7.99 7.69 -26.13
C VAL B 35 -7.41 6.31 -25.79
N VAL B 36 -6.73 6.28 -24.64
CA VAL B 36 -5.95 5.13 -24.22
C VAL B 36 -6.83 4.24 -23.33
N GLY B 37 -7.83 4.85 -22.70
CA GLY B 37 -8.80 4.11 -21.91
C GLY B 37 -10.19 4.70 -22.06
N LEU B 38 -11.18 3.83 -21.97
CA LEU B 38 -12.58 4.21 -22.15
C LEU B 38 -13.48 3.35 -21.26
N ALA B 39 -14.34 3.98 -20.48
CA ALA B 39 -15.24 3.27 -19.57
C ALA B 39 -16.59 3.98 -19.51
N GLY B 40 -17.68 3.24 -19.28
CA GLY B 40 -18.99 3.87 -19.12
C GLY B 40 -20.13 2.88 -19.01
N ASN B 41 -21.33 3.37 -18.70
CA ASN B 41 -22.45 2.46 -18.47
C ASN B 41 -23.02 1.87 -19.76
N ALA B 42 -22.64 2.43 -20.91
CA ALA B 42 -22.99 1.81 -22.19
C ALA B 42 -21.75 1.41 -23.00
N ILE B 43 -20.60 1.34 -22.34
CA ILE B 43 -19.38 0.79 -22.96
C ILE B 43 -19.24 -0.66 -22.55
N LEU B 44 -19.01 -1.54 -23.51
CA LEU B 44 -18.83 -2.96 -23.23
C LEU B 44 -17.60 -3.49 -23.96
N ARG B 45 -16.74 -4.19 -23.23
CA ARG B 45 -15.61 -4.92 -23.83
C ARG B 45 -16.16 -6.09 -24.65
N GLU B 46 -16.19 -5.93 -25.97
CA GLU B 46 -16.68 -6.98 -26.86
C GLU B 46 -15.52 -7.69 -27.55
N GLN B 51 -11.77 -3.05 -30.42
CA GLN B 51 -11.77 -1.73 -29.78
C GLN B 51 -10.53 -0.93 -30.19
N LYS B 52 -10.68 -0.12 -31.24
CA LYS B 52 -9.55 0.56 -31.85
C LYS B 52 -9.34 1.94 -31.27
N MET B 53 -8.09 2.32 -31.03
CA MET B 53 -7.77 3.66 -30.55
C MET B 53 -8.26 4.69 -31.55
N TYR B 54 -8.81 5.78 -31.02
CA TYR B 54 -9.03 6.97 -31.82
C TYR B 54 -8.46 8.18 -31.09
N ALA B 55 -8.53 9.33 -31.73
CA ALA B 55 -7.94 10.54 -31.18
C ALA B 55 -8.95 11.67 -31.16
N THR B 56 -8.75 12.59 -30.23
CA THR B 56 -9.61 13.76 -30.10
C THR B 56 -8.72 14.99 -30.01
N ILE B 57 -8.98 15.95 -30.88
CA ILE B 57 -8.16 17.15 -30.94
C ILE B 57 -8.95 18.33 -30.40
N TYR B 58 -8.37 19.01 -29.41
CA TYR B 58 -8.97 20.17 -28.77
C TYR B 58 -8.26 21.43 -29.27
N GLU B 59 -9.01 22.30 -29.93
CA GLU B 59 -8.47 23.58 -30.33
C GLU B 59 -9.25 24.71 -29.70
N LEU B 60 -8.54 25.57 -28.98
CA LEU B 60 -9.14 26.64 -28.23
C LEU B 60 -9.43 27.78 -29.19
N LYS B 61 -10.70 28.15 -29.30
CA LYS B 61 -11.10 29.24 -30.18
C LYS B 61 -10.96 30.59 -29.48
N GLU B 62 -11.00 31.66 -30.25
CA GLU B 62 -10.87 33.01 -29.70
C GLU B 62 -11.83 33.22 -28.54
N ASP B 63 -13.05 32.70 -28.66
CA ASP B 63 -14.08 32.90 -27.64
C ASP B 63 -13.97 31.89 -26.50
N LYS B 64 -12.92 31.07 -26.52
CA LYS B 64 -12.54 30.24 -25.38
C LYS B 64 -13.36 28.95 -25.29
N SER B 65 -14.23 28.73 -26.26
CA SER B 65 -14.77 27.40 -26.52
C SER B 65 -13.71 26.54 -27.19
N TYR B 66 -13.90 25.22 -27.13
CA TYR B 66 -13.07 24.30 -27.90
C TYR B 66 -13.80 23.84 -29.15
N ASN B 67 -13.08 23.85 -30.27
CA ASN B 67 -13.40 22.96 -31.37
C ASN B 67 -12.80 21.59 -31.12
N VAL B 68 -13.67 20.59 -31.09
CA VAL B 68 -13.27 19.24 -30.69
C VAL B 68 -13.55 18.31 -31.87
N THR B 69 -12.49 17.77 -32.45
CA THR B 69 -12.64 16.88 -33.60
C THR B 69 -12.13 15.51 -33.23
N SER B 70 -12.98 14.52 -33.39
CA SER B 70 -12.61 13.14 -33.15
C SER B 70 -12.29 12.46 -34.48
N VAL B 71 -11.23 11.65 -34.46
CA VAL B 71 -10.74 10.99 -35.66
C VAL B 71 -10.69 9.50 -35.39
N LEU B 72 -11.44 8.73 -36.17
CA LEU B 72 -11.45 7.29 -36.01
C LEU B 72 -11.31 6.60 -37.35
N PHE B 73 -10.73 5.41 -37.31
CA PHE B 73 -10.54 4.58 -38.49
C PHE B 73 -11.64 3.53 -38.53
N ARG B 74 -12.46 3.57 -39.57
CA ARG B 74 -13.69 2.79 -39.60
C ARG B 74 -14.07 2.50 -41.05
N LYS B 75 -14.27 1.21 -41.35
CA LYS B 75 -14.65 0.79 -42.69
C LYS B 75 -13.63 1.27 -43.72
N LYS B 76 -12.35 1.21 -43.35
CA LYS B 76 -11.26 1.49 -44.29
C LYS B 76 -11.10 2.99 -44.55
N LYS B 77 -11.80 3.81 -43.77
CA LYS B 77 -11.77 5.26 -43.98
C LYS B 77 -11.51 6.00 -42.68
N CYS B 78 -11.03 7.23 -42.82
CA CYS B 78 -10.93 8.13 -41.66
C CYS B 78 -12.25 8.85 -41.48
N ASP B 79 -12.85 8.67 -40.31
CA ASP B 79 -14.13 9.30 -39.99
C ASP B 79 -13.89 10.43 -39.01
N TYR B 80 -14.44 11.61 -39.31
CA TYR B 80 -14.25 12.77 -38.47
C TYR B 80 -15.56 13.19 -37.84
N TRP B 81 -15.54 13.44 -36.53
CA TRP B 81 -16.71 13.90 -35.79
C TRP B 81 -16.40 15.24 -35.16
N ILE B 82 -17.28 16.21 -35.37
CA ILE B 82 -17.03 17.57 -34.97
C ILE B 82 -18.02 17.96 -33.87
N ARG B 83 -17.51 18.57 -32.81
CA ARG B 83 -18.37 19.17 -31.80
C ARG B 83 -17.75 20.46 -31.28
N THR B 84 -18.56 21.26 -30.60
CA THR B 84 -18.07 22.42 -29.88
C THR B 84 -18.31 22.20 -28.38
N PHE B 85 -17.27 22.38 -27.58
CA PHE B 85 -17.42 22.40 -26.12
C PHE B 85 -17.40 23.85 -25.61
N VAL B 86 -18.49 24.26 -24.98
CA VAL B 86 -18.64 25.61 -24.48
C VAL B 86 -18.33 25.65 -22.98
N PRO B 87 -17.45 26.58 -22.55
CA PRO B 87 -17.10 26.67 -21.13
C PRO B 87 -18.32 26.75 -20.23
N GLY B 88 -18.30 25.97 -19.15
CA GLY B 88 -19.43 25.90 -18.23
C GLY B 88 -19.23 26.74 -17.00
N SER B 89 -19.80 26.30 -15.89
CA SER B 89 -19.92 27.13 -14.69
C SER B 89 -18.57 27.34 -14.03
N GLN B 90 -17.71 26.32 -14.14
CA GLN B 90 -16.40 26.34 -13.50
C GLN B 90 -15.37 26.00 -14.57
N PRO B 91 -14.16 26.58 -14.47
CA PRO B 91 -13.11 26.19 -15.39
C PRO B 91 -12.88 24.68 -15.38
N GLY B 92 -12.84 24.08 -16.56
CA GLY B 92 -12.68 22.63 -16.68
C GLY B 92 -13.98 21.90 -16.90
N GLU B 93 -15.09 22.64 -16.85
CA GLU B 93 -16.39 22.08 -17.22
C GLU B 93 -16.87 22.67 -18.52
N PHE B 94 -17.62 21.87 -19.28
CA PHE B 94 -18.11 22.29 -20.58
C PHE B 94 -19.48 21.69 -20.83
N THR B 95 -20.23 22.35 -21.71
CA THR B 95 -21.39 21.71 -22.31
C THR B 95 -21.25 21.74 -23.83
N LEU B 96 -22.19 21.07 -24.48
CA LEU B 96 -22.16 20.86 -25.91
C LEU B 96 -22.82 22.02 -26.65
N GLY B 97 -22.07 22.66 -27.53
CA GLY B 97 -22.62 23.70 -28.40
C GLY B 97 -23.63 23.14 -29.38
N ASN B 98 -24.58 23.99 -29.76
CA ASN B 98 -25.72 23.58 -30.57
C ASN B 98 -26.30 22.24 -30.10
N ILE B 99 -26.37 22.06 -28.79
CA ILE B 99 -26.98 20.86 -28.21
C ILE B 99 -28.38 20.60 -28.75
N LYS B 100 -29.10 21.67 -29.07
CA LYS B 100 -30.49 21.57 -29.47
C LYS B 100 -30.67 20.88 -30.82
N SER B 101 -29.57 20.76 -31.58
CA SER B 101 -29.63 20.14 -32.90
C SER B 101 -29.35 18.64 -32.86
N TYR B 102 -29.16 18.09 -31.65
CA TYR B 102 -29.04 16.64 -31.49
C TYR B 102 -30.37 16.05 -31.02
N PRO B 103 -31.04 15.27 -31.89
CA PRO B 103 -32.34 14.72 -31.53
C PRO B 103 -32.28 13.83 -30.29
N GLY B 104 -33.18 14.06 -29.34
CA GLY B 104 -33.32 13.20 -28.16
C GLY B 104 -32.46 13.65 -26.98
N LEU B 105 -31.53 14.55 -27.25
CA LEU B 105 -30.54 14.93 -26.25
C LEU B 105 -31.04 16.09 -25.39
N THR B 106 -31.17 15.84 -24.09
CA THR B 106 -31.72 16.82 -23.16
C THR B 106 -30.60 17.54 -22.42
N SER B 107 -29.51 16.82 -22.17
CA SER B 107 -28.43 17.31 -21.32
C SER B 107 -27.10 16.70 -21.76
N TYR B 108 -26.03 17.46 -21.63
CA TYR B 108 -24.69 16.96 -21.92
C TYR B 108 -23.72 17.76 -21.07
N LEU B 109 -22.86 17.05 -20.37
CA LEU B 109 -21.89 17.70 -19.50
C LEU B 109 -20.51 17.06 -19.67
N VAL B 110 -19.48 17.91 -19.66
CA VAL B 110 -18.09 17.45 -19.68
C VAL B 110 -17.40 18.03 -18.46
N ARG B 111 -16.69 17.18 -17.71
CA ARG B 111 -15.87 17.64 -16.61
C ARG B 111 -14.49 17.01 -16.70
N VAL B 112 -13.45 17.84 -16.82
CA VAL B 112 -12.08 17.36 -16.72
C VAL B 112 -11.77 17.04 -15.27
N VAL B 113 -11.54 15.75 -15.02
CA VAL B 113 -11.38 15.23 -13.67
C VAL B 113 -9.98 15.48 -13.14
N SER B 114 -8.99 15.18 -13.98
CA SER B 114 -7.59 15.35 -13.64
C SER B 114 -6.76 15.41 -14.92
N THR B 115 -5.67 16.15 -14.88
CA THR B 115 -4.73 16.16 -15.99
C THR B 115 -3.42 16.78 -15.52
N ASN B 116 -2.31 16.37 -16.12
CA ASN B 116 -1.08 17.14 -16.02
C ASN B 116 -0.70 17.77 -17.36
N TYR B 117 -1.65 17.78 -18.30
CA TYR B 117 -1.56 18.56 -19.54
C TYR B 117 -0.61 18.00 -20.60
N ASN B 118 0.55 17.52 -20.20
CA ASN B 118 1.52 17.07 -21.20
C ASN B 118 1.77 15.57 -21.24
N GLN B 119 1.01 14.81 -20.45
CA GLN B 119 1.04 13.36 -20.59
C GLN B 119 -0.35 12.72 -20.56
N HIS B 120 -1.16 13.06 -19.57
CA HIS B 120 -2.41 12.34 -19.36
C HIS B 120 -3.53 13.22 -18.86
N ALA B 121 -4.75 12.76 -19.10
CA ALA B 121 -5.94 13.38 -18.55
C ALA B 121 -7.03 12.33 -18.34
N MET B 122 -7.94 12.61 -17.42
CA MET B 122 -9.18 11.86 -17.33
C MET B 122 -10.35 12.82 -17.45
N VAL B 123 -11.28 12.50 -18.32
CA VAL B 123 -12.41 13.36 -18.57
C VAL B 123 -13.71 12.58 -18.42
N PHE B 124 -14.66 13.19 -17.73
CA PHE B 124 -15.97 12.57 -17.44
C PHE B 124 -17.02 13.23 -18.33
N PHE B 125 -17.87 12.40 -18.93
CA PHE B 125 -18.99 12.87 -19.74
C PHE B 125 -20.30 12.27 -19.20
N LYS B 126 -21.32 13.11 -19.10
CA LYS B 126 -22.66 12.63 -18.76
C LYS B 126 -23.67 13.24 -19.72
N LYS B 127 -24.59 12.42 -20.20
CA LYS B 127 -25.67 12.91 -21.04
C LYS B 127 -27.00 12.24 -20.73
N VAL B 128 -28.08 12.97 -20.99
CA VAL B 128 -29.42 12.40 -20.97
C VAL B 128 -29.98 12.39 -22.38
N SER B 129 -30.31 11.20 -22.85
CA SER B 129 -30.75 10.99 -24.21
C SER B 129 -31.94 10.02 -24.17
N GLN B 130 -33.06 10.42 -24.76
CA GLN B 130 -34.33 9.68 -24.61
C GLN B 130 -34.67 9.43 -23.13
N ASN B 131 -34.40 10.41 -22.28
CA ASN B 131 -34.67 10.30 -20.85
C ASN B 131 -33.83 9.22 -20.15
N ARG B 132 -32.82 8.69 -20.84
CA ARG B 132 -31.90 7.73 -20.25
C ARG B 132 -30.58 8.42 -19.94
N GLU B 133 -30.02 8.14 -18.78
CA GLU B 133 -28.81 8.82 -18.34
C GLU B 133 -27.57 7.96 -18.61
N TYR B 134 -26.71 8.44 -19.49
CA TYR B 134 -25.48 7.75 -19.87
C TYR B 134 -24.28 8.51 -19.30
N PHE B 135 -23.23 7.79 -18.96
CA PHE B 135 -21.98 8.42 -18.63
C PHE B 135 -20.78 7.62 -19.13
N LYS B 136 -19.68 8.31 -19.41
CA LYS B 136 -18.42 7.66 -19.73
C LYS B 136 -17.24 8.44 -19.17
N ILE B 137 -16.11 7.76 -19.05
CA ILE B 137 -14.85 8.38 -18.68
C ILE B 137 -13.81 8.01 -19.72
N THR B 138 -13.06 9.01 -20.19
CA THR B 138 -11.93 8.75 -21.10
C THR B 138 -10.62 8.96 -20.36
N LEU B 139 -9.68 8.06 -20.59
CA LEU B 139 -8.30 8.25 -20.20
C LEU B 139 -7.54 8.71 -21.44
N TYR B 140 -7.10 9.96 -21.41
CA TYR B 140 -6.37 10.55 -22.54
C TYR B 140 -4.87 10.43 -22.30
N GLY B 141 -4.13 10.13 -23.36
CA GLY B 141 -2.67 10.25 -23.35
C GLY B 141 -2.17 11.13 -24.48
N ARG B 142 -1.07 11.82 -24.24
CA ARG B 142 -0.44 12.58 -25.33
C ARG B 142 0.28 11.63 -26.28
N THR B 143 0.64 10.45 -25.78
CA THR B 143 1.12 9.36 -26.62
C THR B 143 0.14 8.19 -26.55
N LYS B 144 0.38 7.16 -27.36
CA LYS B 144 -0.56 6.05 -27.49
C LYS B 144 -0.42 5.04 -26.35
N GLU B 145 0.63 5.19 -25.55
CA GLU B 145 0.84 4.32 -24.39
C GLU B 145 0.83 5.15 -23.11
N LEU B 146 0.32 4.56 -22.03
CA LEU B 146 0.52 5.12 -20.70
C LEU B 146 0.95 4.03 -19.72
N THR B 147 1.50 4.46 -18.59
CA THR B 147 2.04 3.55 -17.59
C THR B 147 0.92 2.67 -17.01
N SER B 148 1.33 1.52 -16.48
CA SER B 148 0.43 0.68 -15.69
C SER B 148 -0.22 1.46 -14.56
N GLU B 149 0.55 2.34 -13.92
CA GLU B 149 0.07 3.12 -12.78
C GLU B 149 -1.13 3.99 -13.17
N LEU B 150 -1.03 4.66 -14.31
CA LEU B 150 -2.10 5.53 -14.76
C LEU B 150 -3.33 4.73 -15.17
N LYS B 151 -3.10 3.57 -15.77
CA LYS B 151 -4.19 2.72 -16.19
C LYS B 151 -4.92 2.12 -14.98
N GLU B 152 -4.17 1.72 -13.96
CA GLU B 152 -4.79 1.18 -12.75
C GLU B 152 -5.55 2.27 -11.99
N ASN B 153 -5.02 3.49 -11.97
CA ASN B 153 -5.74 4.63 -11.42
C ASN B 153 -7.07 4.86 -12.15
N PHE B 154 -7.04 4.78 -13.48
CA PHE B 154 -8.24 4.91 -14.30
C PHE B 154 -9.26 3.82 -13.97
N ILE B 155 -8.77 2.59 -13.81
CA ILE B 155 -9.63 1.48 -13.43
C ILE B 155 -10.25 1.73 -12.05
N ARG B 156 -9.42 2.11 -11.08
CA ARG B 156 -9.90 2.41 -9.73
C ARG B 156 -10.96 3.51 -9.75
N PHE B 157 -10.70 4.57 -10.52
CA PHE B 157 -11.65 5.68 -10.61
C PHE B 157 -12.96 5.21 -11.25
N SER B 158 -12.87 4.44 -12.33
CA SER B 158 -14.05 3.90 -13.01
C SER B 158 -14.88 3.05 -12.05
N LYS B 159 -14.22 2.20 -11.28
CA LYS B 159 -14.93 1.34 -10.33
C LYS B 159 -15.57 2.16 -9.23
N SER B 160 -14.93 3.26 -8.84
CA SER B 160 -15.48 4.12 -7.79
C SER B 160 -16.77 4.79 -8.26
N LEU B 161 -16.96 4.83 -9.58
CA LEU B 161 -18.21 5.36 -10.14
C LEU B 161 -19.22 4.26 -10.44
N GLY B 162 -18.92 3.04 -10.01
CA GLY B 162 -19.89 1.94 -10.04
C GLY B 162 -19.75 1.01 -11.25
N LEU B 163 -18.69 1.18 -12.03
CA LEU B 163 -18.52 0.40 -13.25
C LEU B 163 -17.74 -0.88 -12.97
N PRO B 164 -18.25 -2.03 -13.43
CA PRO B 164 -17.49 -3.27 -13.37
C PRO B 164 -16.46 -3.36 -14.50
N GLU B 165 -15.62 -4.39 -14.47
CA GLU B 165 -14.45 -4.47 -15.32
C GLU B 165 -14.83 -4.62 -16.78
N ASN B 166 -15.96 -5.27 -17.05
CA ASN B 166 -16.41 -5.47 -18.42
C ASN B 166 -16.97 -4.19 -19.06
N HIS B 167 -17.04 -3.10 -18.30
CA HIS B 167 -17.42 -1.80 -18.85
C HIS B 167 -16.22 -0.87 -18.95
N ILE B 168 -15.02 -1.44 -18.87
CA ILE B 168 -13.78 -0.69 -18.95
C ILE B 168 -12.92 -1.27 -20.06
N VAL B 169 -12.50 -0.42 -21.01
CA VAL B 169 -11.86 -0.88 -22.23
C VAL B 169 -10.58 -0.09 -22.46
N PHE B 170 -9.56 -0.75 -23.01
CA PHE B 170 -8.34 -0.07 -23.41
C PHE B 170 -8.11 -0.21 -24.91
N PRO B 171 -8.49 0.82 -25.69
CA PRO B 171 -8.46 0.67 -27.14
C PRO B 171 -7.06 0.34 -27.67
N VAL B 172 -7.01 -0.50 -28.69
CA VAL B 172 -5.75 -0.94 -29.29
C VAL B 172 -5.12 0.18 -30.15
N PRO B 173 -3.84 0.50 -29.90
CA PRO B 173 -3.15 1.47 -30.74
C PRO B 173 -3.16 1.10 -32.22
N ILE B 174 -3.41 2.08 -33.08
CA ILE B 174 -3.26 1.91 -34.54
C ILE B 174 -2.51 3.10 -35.12
N ASP B 175 -2.15 3.01 -36.39
CA ASP B 175 -1.43 4.08 -37.08
C ASP B 175 -2.30 4.86 -38.06
N GLN B 176 -3.34 4.22 -38.59
CA GLN B 176 -4.20 4.88 -39.58
C GLN B 176 -4.98 6.05 -38.96
N CYS B 177 -4.99 7.17 -39.66
CA CYS B 177 -5.88 8.30 -39.37
C CYS B 177 -5.44 9.14 -38.18
N ILE B 178 -5.06 8.49 -37.09
CA ILE B 178 -4.96 9.18 -35.81
C ILE B 178 -3.59 9.84 -35.63
N ASP B 179 -2.69 9.61 -36.56
CA ASP B 179 -1.42 10.33 -36.59
C ASP B 179 -1.41 11.35 -37.73
N THR C 6 12.77 21.76 37.77
CA THR C 6 11.79 22.64 38.47
C THR C 6 10.64 23.06 37.55
N SER C 7 10.93 23.20 36.25
CA SER C 7 10.01 23.87 35.32
C SER C 7 8.73 23.07 35.06
N ASP C 8 7.65 23.79 34.78
CA ASP C 8 6.41 23.22 34.26
C ASP C 8 6.64 22.43 32.97
N LEU C 9 5.84 21.40 32.73
CA LEU C 9 6.03 20.55 31.56
C LEU C 9 4.74 20.40 30.75
N ILE C 10 4.88 20.34 29.43
CA ILE C 10 3.78 19.88 28.58
C ILE C 10 3.41 18.46 28.97
N PRO C 11 2.11 18.19 29.17
CA PRO C 11 1.72 16.89 29.71
C PRO C 11 2.02 15.78 28.74
N ALA C 12 2.41 14.61 29.24
CA ALA C 12 2.50 13.41 28.41
C ALA C 12 1.13 13.11 27.80
N PRO C 13 1.09 12.70 26.52
CA PRO C 13 -0.20 12.42 25.88
C PRO C 13 -0.79 11.13 26.44
N PRO C 14 -2.10 10.94 26.32
CA PRO C 14 -2.59 9.61 26.63
C PRO C 14 -2.09 8.59 25.62
N LEU C 15 -1.86 7.38 26.09
CA LEU C 15 -1.24 6.35 25.25
C LEU C 15 -2.14 6.00 24.07
N SER C 16 -3.42 6.39 24.15
CA SER C 16 -4.35 6.23 23.03
C SER C 16 -4.00 7.09 21.82
N LYS C 17 -3.20 8.13 22.03
CA LYS C 17 -2.72 8.94 20.90
C LYS C 17 -1.40 8.44 20.32
N VAL C 18 -0.86 7.36 20.87
CA VAL C 18 0.44 6.87 20.45
C VAL C 18 0.28 5.48 19.84
N PRO C 19 0.30 5.40 18.51
CA PRO C 19 0.13 4.10 17.88
C PRO C 19 1.26 3.13 18.23
N LEU C 20 0.97 1.84 18.10
CA LEU C 20 1.97 0.79 18.21
C LEU C 20 2.12 0.09 16.86
N GLN C 21 3.35 -0.07 16.40
CA GLN C 21 3.60 -0.79 15.16
C GLN C 21 2.97 -2.18 15.23
N GLN C 22 2.11 -2.47 14.27
CA GLN C 22 1.44 -3.77 14.13
C GLN C 22 2.47 -4.88 13.87
N ASN C 23 2.32 -6.01 14.56
CA ASN C 23 3.11 -7.22 14.29
C ASN C 23 4.61 -6.89 14.32
N PHE C 24 5.04 -6.25 15.40
CA PHE C 24 6.42 -5.79 15.51
C PHE C 24 7.39 -6.97 15.39
N GLN C 25 8.45 -6.78 14.61
CA GLN C 25 9.42 -7.82 14.32
C GLN C 25 10.76 -7.50 14.96
N ASP C 26 11.05 -8.12 16.11
CA ASP C 26 12.16 -7.67 16.95
C ASP C 26 13.52 -7.93 16.30
N ASN C 27 13.61 -9.01 15.52
CA ASN C 27 14.84 -9.31 14.79
C ASN C 27 15.16 -8.28 13.70
N GLN C 28 14.13 -7.80 13.03
CA GLN C 28 14.31 -6.85 11.92
C GLN C 28 14.64 -5.43 12.41
N PHE C 29 14.30 -5.14 13.67
CA PHE C 29 14.49 -3.81 14.22
C PHE C 29 15.93 -3.62 14.71
N GLN C 30 16.68 -4.70 14.77
CA GLN C 30 18.04 -4.72 15.31
C GLN C 30 18.98 -3.83 14.53
N GLY C 31 20.11 -3.50 15.15
CA GLY C 31 21.19 -2.80 14.48
C GLY C 31 21.20 -1.33 14.85
N LYS C 32 21.90 -0.53 14.05
CA LYS C 32 22.13 0.87 14.35
C LYS C 32 21.04 1.73 13.73
N TRP C 33 20.56 2.66 14.52
CA TRP C 33 19.66 3.69 14.04
C TRP C 33 20.27 5.04 14.38
N TYR C 34 20.24 5.97 13.43
CA TYR C 34 20.61 7.36 13.71
C TYR C 34 19.41 8.17 14.13
N VAL C 35 19.62 9.06 15.08
CA VAL C 35 18.55 9.96 15.52
C VAL C 35 18.47 11.20 14.64
N VAL C 36 17.55 11.14 13.68
CA VAL C 36 17.44 12.14 12.63
C VAL C 36 16.46 13.23 13.06
N GLY C 37 15.57 12.86 13.96
CA GLY C 37 14.64 13.80 14.54
C GLY C 37 14.38 13.48 16.00
N LEU C 38 14.15 14.52 16.78
CA LEU C 38 13.97 14.39 18.21
C LEU C 38 13.00 15.45 18.69
N ALA C 39 12.00 15.03 19.45
CA ALA C 39 11.00 15.94 19.97
C ALA C 39 10.58 15.48 21.38
N GLY C 40 10.22 16.41 22.25
CA GLY C 40 9.74 16.03 23.57
C GLY C 40 9.45 17.20 24.47
N ASN C 41 8.86 16.93 25.63
CA ASN C 41 8.51 18.00 26.52
C ASN C 41 9.68 18.61 27.24
N ALA C 42 10.82 17.94 27.22
CA ALA C 42 12.05 18.57 27.75
C ALA C 42 13.14 18.68 26.69
N ILE C 43 12.75 18.62 25.42
CA ILE C 43 13.64 18.94 24.31
C ILE C 43 13.37 20.37 23.85
N LEU C 44 14.43 21.17 23.74
CA LEU C 44 14.29 22.56 23.28
C LEU C 44 15.32 22.86 22.20
N ARG C 45 14.88 23.47 21.11
CA ARG C 45 15.79 23.97 20.09
C ARG C 45 16.81 24.92 20.72
N GLU C 46 18.07 24.79 20.33
CA GLU C 46 19.12 25.68 20.79
C GLU C 46 19.97 26.17 19.61
N ASP C 47 19.68 27.38 19.15
CA ASP C 47 20.35 27.93 17.98
C ASP C 47 21.81 28.25 18.29
N LYS C 48 22.09 28.59 19.54
CA LYS C 48 23.47 28.81 19.99
C LYS C 48 24.35 27.59 19.75
N ASP C 49 23.81 26.41 19.99
CA ASP C 49 24.60 25.18 19.96
C ASP C 49 23.74 23.97 19.62
N PRO C 50 23.40 23.83 18.33
CA PRO C 50 22.37 22.87 17.91
C PRO C 50 22.71 21.44 18.34
N GLN C 51 21.67 20.68 18.68
CA GLN C 51 21.83 19.28 19.02
C GLN C 51 22.57 18.55 17.93
N LYS C 52 23.58 17.78 18.32
CA LYS C 52 24.28 16.91 17.38
C LYS C 52 23.58 15.57 17.27
N MET C 53 23.63 15.00 16.07
CA MET C 53 23.12 13.66 15.85
C MET C 53 23.83 12.66 16.77
N TYR C 54 23.07 11.72 17.30
CA TYR C 54 23.65 10.57 17.96
C TYR C 54 23.02 9.31 17.42
N ALA C 55 23.51 8.16 17.88
CA ALA C 55 23.04 6.88 17.37
C ALA C 55 22.65 5.94 18.53
N THR C 56 21.74 5.02 18.23
CA THR C 56 21.32 4.01 19.18
C THR C 56 21.37 2.64 18.50
N ILE C 57 22.10 1.71 19.11
CA ILE C 57 22.29 0.37 18.57
C ILE C 57 21.49 -0.64 19.40
N TYR C 58 20.63 -1.39 18.72
CA TYR C 58 19.77 -2.40 19.34
C TYR C 58 20.29 -3.79 19.01
N GLU C 59 20.65 -4.56 20.03
CA GLU C 59 21.06 -5.93 19.81
C GLU C 59 20.15 -6.88 20.59
N LEU C 60 19.54 -7.81 19.87
CA LEU C 60 18.54 -8.70 20.44
C LEU C 60 19.25 -9.84 21.15
N LYS C 61 18.99 -10.00 22.44
CA LYS C 61 19.62 -11.07 23.21
C LYS C 61 18.81 -12.36 23.10
N GLU C 62 19.42 -13.47 23.50
CA GLU C 62 18.77 -14.77 23.42
C GLU C 62 17.41 -14.74 24.11
N ASP C 63 17.32 -14.03 25.23
CA ASP C 63 16.09 -13.97 26.00
C ASP C 63 15.11 -12.92 25.49
N LYS C 64 15.44 -12.28 24.38
CA LYS C 64 14.52 -11.45 23.61
C LYS C 64 14.40 -10.03 24.17
N SER C 65 15.17 -9.73 25.21
CA SER C 65 15.44 -8.36 25.56
C SER C 65 16.43 -7.75 24.55
N TYR C 66 16.50 -6.43 24.50
CA TYR C 66 17.54 -5.73 23.74
C TYR C 66 18.62 -5.23 24.67
N ASN C 67 19.87 -5.44 24.27
CA ASN C 67 20.95 -4.56 24.69
C ASN C 67 21.02 -3.32 23.82
N VAL C 68 20.89 -2.15 24.45
CA VAL C 68 20.73 -0.90 23.72
C VAL C 68 21.87 0.03 24.09
N THR C 69 22.67 0.40 23.09
CA THR C 69 23.81 1.29 23.30
C THR C 69 23.56 2.61 22.60
N SER C 70 23.60 3.69 23.36
CA SER C 70 23.55 5.02 22.76
C SER C 70 24.95 5.60 22.71
N VAL C 71 25.26 6.24 21.58
CA VAL C 71 26.58 6.79 21.33
C VAL C 71 26.42 8.28 20.96
N LEU C 72 27.02 9.14 21.76
CA LEU C 72 26.94 10.58 21.55
C LEU C 72 28.32 11.20 21.57
N PHE C 73 28.51 12.27 20.80
CA PHE C 73 29.73 13.04 20.83
C PHE C 73 29.50 14.29 21.68
N ARG C 74 30.23 14.41 22.77
CA ARG C 74 29.90 15.37 23.81
C ARG C 74 31.15 15.73 24.59
N LYS C 75 31.46 17.03 24.63
CA LYS C 75 32.65 17.53 25.29
C LYS C 75 33.91 16.86 24.77
N LYS C 76 33.98 16.68 23.46
CA LYS C 76 35.18 16.20 22.80
C LYS C 76 35.39 14.70 23.00
N LYS C 77 34.40 14.03 23.56
CA LYS C 77 34.53 12.60 23.83
C LYS C 77 33.35 11.83 23.30
N CYS C 78 33.56 10.53 23.06
CA CYS C 78 32.47 9.66 22.74
C CYS C 78 31.86 9.16 24.04
N ASP C 79 30.58 9.44 24.24
CA ASP C 79 29.87 9.05 25.46
C ASP C 79 28.95 7.89 25.14
N TYR C 80 29.05 6.84 25.94
CA TYR C 80 28.27 5.65 25.69
C TYR C 80 27.31 5.39 26.84
N TRP C 81 26.10 5.01 26.50
CA TRP C 81 25.13 4.54 27.48
C TRP C 81 24.64 3.16 27.09
N ILE C 82 24.69 2.24 28.02
CA ILE C 82 24.25 0.88 27.76
C ILE C 82 23.10 0.56 28.71
N ARG C 83 21.95 0.21 28.12
CA ARG C 83 20.69 -0.03 28.84
C ARG C 83 20.16 -1.39 28.38
N THR C 84 19.22 -1.95 29.13
CA THR C 84 18.48 -3.14 28.68
C THR C 84 17.01 -2.79 28.51
N PHE C 85 16.45 -3.09 27.33
CA PHE C 85 15.01 -2.95 27.09
C PHE C 85 14.34 -4.32 27.19
N VAL C 86 13.46 -4.48 28.16
CA VAL C 86 12.79 -5.75 28.41
C VAL C 86 11.42 -5.71 27.73
N PRO C 87 11.03 -6.79 27.04
CA PRO C 87 9.77 -6.78 26.32
C PRO C 87 8.61 -6.48 27.25
N GLY C 88 7.72 -5.58 26.83
CA GLY C 88 6.62 -5.13 27.68
C GLY C 88 5.36 -5.90 27.36
N SER C 89 4.22 -5.24 27.55
CA SER C 89 2.93 -5.94 27.55
C SER C 89 2.53 -6.39 26.13
N GLN C 90 2.96 -5.66 25.11
CA GLN C 90 2.66 -5.96 23.71
CA GLN C 90 2.68 -6.00 23.72
C GLN C 90 3.97 -5.94 22.90
N PRO C 91 4.05 -6.73 21.82
CA PRO C 91 5.25 -6.66 20.99
C PRO C 91 5.48 -5.24 20.46
N GLY C 92 6.70 -4.76 20.61
CA GLY C 92 7.04 -3.40 20.21
C GLY C 92 7.06 -2.44 21.37
N GLU C 93 6.66 -2.90 22.53
CA GLU C 93 6.78 -2.11 23.75
C GLU C 93 7.86 -2.71 24.63
N PHE C 94 8.52 -1.85 25.39
CA PHE C 94 9.61 -2.27 26.26
C PHE C 94 9.61 -1.46 27.54
N THR C 95 10.11 -2.06 28.61
CA THR C 95 10.42 -1.37 29.83
C THR C 95 11.93 -1.42 30.05
N LEU C 96 12.43 -0.57 30.94
CA LEU C 96 13.87 -0.51 31.24
C LEU C 96 14.23 -1.57 32.27
N GLY C 97 15.19 -2.43 31.94
CA GLY C 97 15.75 -3.39 32.90
C GLY C 97 16.50 -2.71 34.04
N ASN C 98 16.49 -3.35 35.20
CA ASN C 98 17.25 -2.90 36.36
CA ASN C 98 17.23 -2.91 36.40
C ASN C 98 16.97 -1.44 36.73
N ILE C 99 15.69 -1.08 36.78
CA ILE C 99 15.31 0.33 36.88
C ILE C 99 15.79 0.90 38.24
N LYS C 100 15.93 0.03 39.23
CA LYS C 100 16.37 0.44 40.57
C LYS C 100 17.80 1.01 40.59
N SER C 101 18.60 0.72 39.56
CA SER C 101 19.96 1.23 39.48
C SER C 101 20.03 2.63 38.86
N TYR C 102 18.90 3.20 38.49
CA TYR C 102 18.86 4.58 38.01
C TYR C 102 18.18 5.47 39.07
N PRO C 103 18.99 6.28 39.77
CA PRO C 103 18.45 7.12 40.85
C PRO C 103 17.36 8.07 40.35
N GLY C 104 16.22 8.08 41.04
CA GLY C 104 15.14 9.01 40.73
C GLY C 104 14.12 8.46 39.75
N LEU C 105 14.47 7.37 39.08
CA LEU C 105 13.66 6.86 37.96
C LEU C 105 12.66 5.81 38.45
N THR C 106 11.37 6.06 38.29
CA THR C 106 10.38 5.10 38.77
C THR C 106 9.62 4.43 37.64
N SER C 107 9.73 4.98 36.42
CA SER C 107 8.99 4.46 35.29
C SER C 107 9.76 4.75 34.00
N TYR C 108 9.75 3.80 33.06
CA TYR C 108 10.37 4.00 31.75
C TYR C 108 9.71 3.10 30.72
N LEU C 109 9.09 3.71 29.72
CA LEU C 109 8.31 2.94 28.75
C LEU C 109 8.79 3.31 27.35
N VAL C 110 8.94 2.32 26.50
CA VAL C 110 9.28 2.49 25.10
C VAL C 110 8.16 1.87 24.26
N ARG C 111 7.67 2.60 23.27
CA ARG C 111 6.72 2.06 22.30
C ARG C 111 7.18 2.41 20.87
N VAL C 112 7.43 1.39 20.07
CA VAL C 112 7.71 1.60 18.66
C VAL C 112 6.42 1.94 17.93
N VAL C 113 6.35 3.17 17.44
CA VAL C 113 5.13 3.71 16.85
C VAL C 113 4.94 3.20 15.43
N SER C 114 6.00 3.25 14.64
CA SER C 114 5.96 2.87 13.25
C SER C 114 7.39 2.60 12.79
N THR C 115 7.55 1.68 11.85
CA THR C 115 8.86 1.43 11.24
C THR C 115 8.68 0.60 10.00
N ASN C 116 9.59 0.76 9.03
CA ASN C 116 9.72 -0.20 7.96
C ASN C 116 11.01 -0.98 8.02
N TYR C 117 11.68 -0.88 9.17
CA TYR C 117 12.82 -1.71 9.52
C TYR C 117 14.12 -1.41 8.73
N ASN C 118 14.03 -1.17 7.42
CA ASN C 118 15.21 -0.98 6.59
CA ASN C 118 15.25 -0.97 6.65
C ASN C 118 15.56 0.49 6.31
N GLN C 119 14.69 1.41 6.70
CA GLN C 119 14.98 2.85 6.48
C GLN C 119 14.68 3.74 7.67
N HIS C 120 13.49 3.62 8.24
CA HIS C 120 13.04 4.57 9.24
C HIS C 120 12.18 3.96 10.32
N ALA C 121 12.14 4.65 11.45
CA ALA C 121 11.25 4.29 12.56
C ALA C 121 10.90 5.54 13.35
N MET C 122 9.76 5.48 14.05
CA MET C 122 9.45 6.46 15.07
C MET C 122 9.20 5.72 16.36
N VAL C 123 9.84 6.18 17.43
CA VAL C 123 9.74 5.53 18.72
C VAL C 123 9.38 6.56 19.80
N PHE C 124 8.44 6.17 20.65
CA PHE C 124 7.95 7.01 21.74
C PHE C 124 8.53 6.50 23.05
N PHE C 125 9.00 7.42 23.89
CA PHE C 125 9.54 7.11 25.20
C PHE C 125 8.83 7.96 26.24
N LYS C 126 8.50 7.34 27.36
CA LYS C 126 7.94 8.06 28.47
C LYS C 126 8.63 7.61 29.75
N LYS C 127 9.07 8.56 30.55
CA LYS C 127 9.68 8.23 31.83
C LYS C 127 9.21 9.12 32.93
N VAL C 128 9.22 8.58 34.14
CA VAL C 128 8.96 9.35 35.32
C VAL C 128 10.24 9.41 36.17
N SER C 129 10.74 10.63 36.37
CA SER C 129 12.00 10.85 37.03
C SER C 129 11.81 12.02 37.99
N GLN C 130 12.15 11.81 39.27
CA GLN C 130 11.79 12.74 40.34
C GLN C 130 10.29 13.05 40.32
N ASN C 131 9.46 12.06 40.03
CA ASN C 131 8.02 12.22 39.96
C ASN C 131 7.55 13.23 38.90
N ARG C 132 8.45 13.56 37.97
CA ARG C 132 8.10 14.36 36.80
C ARG C 132 8.02 13.48 35.57
N GLU C 133 6.99 13.71 34.76
CA GLU C 133 6.76 12.86 33.61
C GLU C 133 7.28 13.49 32.32
N TYR C 134 8.30 12.84 31.76
CA TYR C 134 8.94 13.28 30.53
C TYR C 134 8.56 12.35 29.41
N PHE C 135 8.42 12.90 28.21
CA PHE C 135 8.26 12.09 27.04
C PHE C 135 9.05 12.63 25.86
N LYS C 136 9.50 11.73 25.01
CA LYS C 136 10.15 12.13 23.77
C LYS C 136 9.76 11.20 22.65
N ILE C 137 9.92 11.69 21.44
CA ILE C 137 9.74 10.86 20.24
C ILE C 137 11.01 10.99 19.42
N THR C 138 11.53 9.85 18.97
CA THR C 138 12.67 9.85 18.08
C THR C 138 12.25 9.45 16.69
N LEU C 139 12.79 10.15 15.71
CA LEU C 139 12.74 9.71 14.33
C LEU C 139 14.07 9.08 14.00
N TYR C 140 14.05 7.78 13.76
CA TYR C 140 15.26 6.99 13.50
C TYR C 140 15.44 6.82 12.00
N GLY C 141 16.67 6.90 11.53
CA GLY C 141 17.01 6.51 10.17
C GLY C 141 18.13 5.49 10.16
N ARG C 142 18.14 4.61 9.16
CA ARG C 142 19.29 3.72 8.98
C ARG C 142 20.48 4.49 8.40
N THR C 143 20.21 5.61 7.76
CA THR C 143 21.24 6.56 7.34
C THR C 143 21.01 7.90 8.04
N LYS C 144 21.92 8.84 7.84
CA LYS C 144 21.89 10.09 8.58
C LYS C 144 20.90 11.09 7.98
N GLU C 145 20.36 10.76 6.81
CA GLU C 145 19.40 11.63 6.13
C GLU C 145 18.06 10.91 5.94
N LEU C 146 16.95 11.63 6.03
CA LEU C 146 15.64 11.10 5.59
C LEU C 146 14.88 12.13 4.74
N THR C 147 13.88 11.66 4.01
CA THR C 147 13.15 12.50 3.09
C THR C 147 12.41 13.61 3.85
N SER C 148 12.10 14.68 3.13
CA SER C 148 11.21 15.71 3.62
C SER C 148 9.88 15.14 4.09
N GLU C 149 9.36 14.15 3.37
CA GLU C 149 8.06 13.55 3.71
C GLU C 149 8.07 12.92 5.10
N LEU C 150 9.12 12.17 5.40
CA LEU C 150 9.22 11.49 6.68
C LEU C 150 9.40 12.51 7.79
N LYS C 151 10.14 13.57 7.51
CA LYS C 151 10.36 14.61 8.49
C LYS C 151 9.07 15.40 8.80
N GLU C 152 8.29 15.71 7.76
CA GLU C 152 7.03 16.41 7.96
C GLU C 152 6.01 15.53 8.69
N ASN C 153 6.01 14.23 8.40
CA ASN C 153 5.19 13.27 9.15
CA ASN C 153 5.18 13.28 9.15
C ASN C 153 5.55 13.22 10.64
N PHE C 154 6.85 13.24 10.93
CA PHE C 154 7.34 13.31 12.28
C PHE C 154 6.90 14.58 12.99
N ILE C 155 6.97 15.71 12.29
CA ILE C 155 6.51 16.98 12.84
C ILE C 155 5.01 16.93 13.14
N ARG C 156 4.21 16.47 12.17
CA ARG C 156 2.77 16.32 12.38
C ARG C 156 2.47 15.43 13.59
N PHE C 157 3.17 14.30 13.71
CA PHE C 157 2.93 13.38 14.83
C PHE C 157 3.30 14.03 16.17
N SER C 158 4.44 14.70 16.21
CA SER C 158 4.88 15.40 17.42
C SER C 158 3.85 16.46 17.85
N LYS C 159 3.33 17.22 16.89
CA LYS C 159 2.32 18.21 17.21
C LYS C 159 1.03 17.56 17.70
N SER C 160 0.67 16.41 17.15
CA SER C 160 -0.54 15.72 17.57
C SER C 160 -0.43 15.29 19.03
N LEU C 161 0.80 15.19 19.56
CA LEU C 161 1.02 14.87 20.97
C LEU C 161 1.15 16.13 21.84
N GLY C 162 0.92 17.30 21.26
CA GLY C 162 0.85 18.54 22.01
C GLY C 162 2.14 19.33 22.05
N LEU C 163 3.11 18.96 21.24
CA LEU C 163 4.40 19.63 21.25
C LEU C 163 4.39 20.78 20.23
N PRO C 164 4.82 21.98 20.64
CA PRO C 164 5.03 23.06 19.69
C PRO C 164 6.35 22.90 18.94
N GLU C 165 6.57 23.77 17.96
CA GLU C 165 7.66 23.58 17.01
C GLU C 165 9.01 23.74 17.65
N ASN C 166 9.10 24.56 18.69
CA ASN C 166 10.37 24.76 19.39
C ASN C 166 10.76 23.58 20.28
N HIS C 167 9.91 22.56 20.36
CA HIS C 167 10.26 21.32 21.07
C HIS C 167 10.54 20.19 20.08
N ILE C 168 10.76 20.55 18.83
CA ILE C 168 11.05 19.57 17.78
C ILE C 168 12.36 19.96 17.11
N VAL C 169 13.30 19.02 17.08
CA VAL C 169 14.66 19.31 16.67
C VAL C 169 15.11 18.26 15.65
N PHE C 170 15.93 18.69 14.71
CA PHE C 170 16.56 17.75 13.77
C PHE C 170 18.08 17.79 13.95
N PRO C 171 18.62 16.83 14.69
CA PRO C 171 20.04 16.89 15.04
C PRO C 171 20.92 16.93 13.81
N VAL C 172 21.98 17.72 13.89
CA VAL C 172 22.90 17.89 12.76
C VAL C 172 23.77 16.64 12.62
N PRO C 173 23.82 16.07 11.40
CA PRO C 173 24.72 14.94 11.14
C PRO C 173 26.16 15.26 11.51
N ILE C 174 26.84 14.31 12.15
CA ILE C 174 28.27 14.43 12.40
C ILE C 174 28.92 13.11 12.05
N ASP C 175 30.25 13.09 12.05
CA ASP C 175 31.01 11.87 11.77
C ASP C 175 31.67 11.26 13.02
N GLN C 176 31.94 12.08 14.02
CA GLN C 176 32.60 11.58 15.24
C GLN C 176 31.70 10.60 15.99
N CYS C 177 32.30 9.47 16.39
CA CYS C 177 31.69 8.54 17.34
C CYS C 177 30.62 7.64 16.74
N ILE C 178 29.70 8.23 15.97
CA ILE C 178 28.45 7.54 15.64
C ILE C 178 28.58 6.64 14.44
N ASP C 179 29.72 6.69 13.79
CA ASP C 179 30.02 5.76 12.71
C ASP C 179 30.97 4.67 13.17
TH TH D . -5.84 -26.22 2.05
C1 TC2 E . -6.13 -24.96 -2.49
C2 TC2 E . -5.76 -25.26 -1.19
C3 TC2 E . -4.44 -25.28 -0.82
C4 TC2 E . -3.45 -25.02 -1.77
C5 TC2 E . -3.82 -24.75 -3.09
C6 TC2 E . -5.16 -24.72 -3.45
C7 TC2 E . -7.59 -25.00 -2.85
O8 TC2 E . -7.95 -24.58 -3.93
N9 TC2 E . -8.40 -25.64 -2.01
C10 TC2 E . -9.68 -26.19 -2.42
C11 TC2 E . -10.77 -25.15 -2.62
N12 TC2 E . -11.35 -24.79 -1.33
C13 TC2 E . -12.63 -24.07 -1.52
O14 TC2 E . -6.73 -25.52 -0.26
O15 TC2 E . -4.11 -25.56 0.46
C16 TC2 E . -12.35 -22.58 -1.75
N17 TC2 E . -11.62 -21.95 -0.67
C31 TC2 E . -10.33 -22.20 -0.42
O32 TC2 E . -9.72 -23.08 -1.01
C33 TC2 E . -9.59 -21.30 0.54
C34 TC2 E . -8.21 -21.32 0.62
C35 TC2 E . -7.55 -20.46 1.49
C36 TC2 E . -8.27 -19.59 2.29
C37 TC2 E . -9.66 -19.56 2.21
C38 TC2 E . -10.32 -20.41 1.34
O39 TC2 E . -7.48 -22.17 -0.15
O40 TC2 E . -6.19 -20.48 1.56
C ACT F . -0.70 -7.33 15.94
O ACT F . -0.05 -6.26 16.04
OXT ACT F . -0.14 -8.45 15.80
CH3 ACT F . -2.20 -7.26 15.98
TH TH G . -21.97 10.37 -28.37
C1 TC2 H . -22.16 8.39 -24.10
C2 TC2 H . -21.83 9.34 -25.06
C3 TC2 H . -21.33 10.59 -24.68
C4 TC2 H . -21.17 10.88 -23.33
C5 TC2 H . -21.51 9.95 -22.37
C6 TC2 H . -22.00 8.70 -22.76
C7 TC2 H . -22.70 7.04 -24.46
O8 TC2 H . -22.57 6.14 -23.65
N9 TC2 H . -23.35 6.83 -25.61
C10 TC2 H . -23.99 5.56 -25.88
C11 TC2 H . -24.27 5.32 -27.36
N12 TC2 H . -24.35 3.87 -27.62
C13 TC2 H . -23.20 3.41 -28.42
O14 TC2 H . -21.98 9.04 -26.37
O15 TC2 H . -20.98 11.53 -25.60
C16 TC2 H . -22.14 2.81 -27.51
N17 TC2 H . -20.81 3.28 -27.85
C31 TC2 H . -20.41 4.53 -27.60
O32 TC2 H . -21.15 5.36 -27.11
C33 TC2 H . -19.00 4.93 -27.96
C34 TC2 H . -18.37 5.98 -27.29
C35 TC2 H . -17.07 6.33 -27.63
C36 TC2 H . -16.40 5.65 -28.62
C37 TC2 H . -17.02 4.59 -29.29
C38 TC2 H . -18.32 4.24 -28.96
O39 TC2 H . -19.02 6.67 -26.32
O40 TC2 H . -16.46 7.36 -26.97
TH TH I . 17.75 9.55 28.20
C1 TC2 J . 13.62 11.93 28.12
C2 TC2 J . 14.62 10.99 28.09
C3 TC2 J . 14.32 9.66 27.83
C4 TC2 J . 13.00 9.27 27.63
C5 TC2 J . 11.99 10.23 27.70
C6 TC2 J . 12.30 11.55 27.95
C7 TC2 J . 13.96 13.37 28.44
O8 TC2 J . 13.09 14.22 28.36
N9 TC2 J . 15.19 13.62 28.89
C10 TC2 J . 15.64 14.94 29.29
C11 TC2 J . 16.29 15.66 28.12
N12 TC2 J . 16.91 16.92 28.60
O14 TC2 J . 15.91 11.35 28.28
O15 TC2 J . 15.34 8.76 27.78
S SO4 K . 6.98 26.41 25.50
O1 SO4 K . 8.35 25.95 25.86
O2 SO4 K . 6.91 26.66 24.04
O3 SO4 K . 6.70 27.65 26.25
O4 SO4 K . 5.98 25.38 25.86
S SO4 L . 29.38 19.49 23.11
O1 SO4 L . 30.70 20.16 23.25
O2 SO4 L . 28.39 20.47 22.63
O3 SO4 L . 28.96 18.97 24.43
O4 SO4 L . 29.48 18.38 22.13
C ACT M . 9.19 0.08 34.03
O ACT M . 10.28 0.20 33.40
OXT ACT M . 8.88 -0.95 34.68
CH3 ACT M . 8.21 1.20 33.98
#